data_8H29
#
_entry.id   8H29
#
_cell.length_a   61.083
_cell.length_b   61.083
_cell.length_c   207.890
_cell.angle_alpha   90.000
_cell.angle_beta   90.000
_cell.angle_gamma   90.000
#
_symmetry.space_group_name_H-M   'P 41 21 2'
#
loop_
_entity.id
_entity.type
_entity.pdbx_description
1 polymer 'Serine palmitoyltransferase'
2 non-polymer N-({3-hydroxy-2-methyl-5-[(phosphonooxy)methyl]pyridin-4-yl}methyl)-L-threonine
3 non-polymer 1,2-ETHANEDIOL
4 water water
#
_entity_poly.entity_id   1
_entity_poly.type   'polypeptide(L)'
_entity_poly.pdbx_seq_one_letter_code
;MSKGKLGEKISQFKIVEELKAKGLYAYFRPIQSKQDTEVKIDGRRVLMFGSNSYLGLTTDTRIIKAAQDALEKYGTGCAG
SRFLNGTLDIHVELEEKLSAYVGKEAAILFSTGFQSNLGPLSCLMGRNDYILLDERDHASIIDGSRLSFSKVIKYGHNNM
EDLRAKLSRLPEDSAKLICTDGIFSMEGDIVNLPELTSIANEFDAAVMVDDAHSLGVIGHKGAGTASHFGLNDDVDLIMG
TFSKSLASLGGFVAGDADVIDFLKHNARSVMFSASMTPASVASTLKALEIIQNEPEHIEKLWKNTDYAKAQLLDHGFDLG
ATESPILPIFIRSNEKTFWVTKMLQDDGVFVNPVVSPAVPAEESLIRFSLMATHTYDQIDEAIEKMVKVFKQAEVETLI
;
_entity_poly.pdbx_strand_id   A
#
# COMPACT_ATOMS: atom_id res chain seq x y z
N SER A 2 17.78 -1.39 -32.17
CA SER A 2 17.26 -0.56 -33.30
C SER A 2 15.84 -0.08 -32.97
N LYS A 3 15.43 1.07 -33.53
CA LYS A 3 14.32 1.84 -32.94
C LYS A 3 13.12 2.03 -33.85
N GLY A 4 13.04 1.45 -35.06
CA GLY A 4 11.87 1.79 -35.90
C GLY A 4 10.56 1.35 -35.28
N LYS A 5 10.41 0.06 -35.01
CA LYS A 5 9.15 -0.46 -34.45
C LYS A 5 8.98 0.05 -33.02
N LEU A 6 10.07 0.22 -32.30
CA LEU A 6 9.98 0.69 -30.90
C LEU A 6 9.43 2.10 -30.90
N GLY A 7 9.88 2.93 -31.81
CA GLY A 7 9.38 4.30 -31.92
C GLY A 7 7.90 4.24 -32.22
N GLU A 8 7.45 3.31 -33.06
CA GLU A 8 5.99 3.18 -33.38
C GLU A 8 5.22 2.74 -32.12
N LYS A 9 5.79 1.86 -31.30
CA LYS A 9 5.09 1.36 -30.11
C LYS A 9 4.79 2.52 -29.14
N ILE A 10 5.64 3.56 -29.06
CA ILE A 10 5.48 4.63 -28.01
C ILE A 10 4.83 5.87 -28.64
N SER A 11 4.54 5.82 -29.94
CA SER A 11 4.13 7.01 -30.74
C SER A 11 2.79 7.56 -30.30
N GLN A 12 1.87 6.73 -29.82
CA GLN A 12 0.49 7.13 -29.51
C GLN A 12 0.39 7.73 -28.11
N PHE A 13 1.46 7.68 -27.33
CA PHE A 13 1.43 8.12 -25.92
C PHE A 13 1.74 9.61 -25.90
N LYS A 14 0.66 10.40 -25.94
CA LYS A 14 0.73 11.87 -26.10
C LYS A 14 0.31 12.61 -24.83
N ILE A 15 -0.29 11.93 -23.86
CA ILE A 15 -0.92 12.67 -22.74
C ILE A 15 0.14 13.47 -21.99
N VAL A 16 1.34 12.94 -21.76
CA VAL A 16 2.33 13.69 -20.98
C VAL A 16 2.76 14.93 -21.76
N GLU A 17 3.04 14.81 -23.04
CA GLU A 17 3.45 16.01 -23.81
C GLU A 17 2.29 17.03 -23.79
N GLU A 18 1.06 16.58 -23.84
CA GLU A 18 -0.08 17.54 -23.79
C GLU A 18 -0.19 18.19 -22.42
N LEU A 19 -0.08 17.42 -21.33
CA LEU A 19 -0.13 18.03 -19.97
C LEU A 19 0.98 19.04 -19.81
N LYS A 20 2.18 18.72 -20.24
CA LYS A 20 3.33 19.64 -20.09
C LYS A 20 3.08 20.93 -20.87
N ALA A 21 2.62 20.80 -22.11
CA ALA A 21 2.45 21.98 -22.99
C ALA A 21 1.30 22.86 -22.48
N LYS A 22 0.29 22.27 -21.87
CA LYS A 22 -0.83 23.03 -21.26
C LYS A 22 -0.44 23.63 -19.90
N GLY A 23 0.72 23.29 -19.33
CA GLY A 23 1.14 23.77 -18.00
C GLY A 23 0.40 23.06 -16.89
N LEU A 24 -0.12 21.87 -17.15
CA LEU A 24 -0.91 21.06 -16.19
C LEU A 24 -0.08 19.94 -15.61
N TYR A 25 1.11 19.70 -16.09
CA TYR A 25 1.89 18.51 -15.63
C TYR A 25 2.34 18.72 -14.19
N ALA A 26 2.02 17.78 -13.33
CA ALA A 26 2.24 17.91 -11.88
C ALA A 26 2.91 16.68 -11.33
N TYR A 27 3.46 15.82 -12.19
CA TYR A 27 4.05 14.54 -11.76
C TYR A 27 5.55 14.69 -11.61
N PHE A 28 6.14 13.76 -10.85
CA PHE A 28 7.61 13.70 -10.61
C PHE A 28 8.17 15.04 -10.07
N ARG A 29 7.38 15.76 -9.25
N ARG A 29 7.39 15.82 -9.30
CA ARG A 29 7.86 17.05 -8.67
CA ARG A 29 7.94 17.13 -8.85
C ARG A 29 9.04 16.75 -7.76
C ARG A 29 8.99 16.84 -7.79
N PRO A 30 10.24 17.35 -7.94
CA PRO A 30 11.35 17.04 -7.06
C PRO A 30 11.25 17.73 -5.70
N ILE A 31 10.91 16.97 -4.70
CA ILE A 31 10.89 17.47 -3.30
C ILE A 31 12.34 17.61 -2.83
N GLN A 32 12.58 18.66 -2.03
CA GLN A 32 13.92 19.08 -1.63
C GLN A 32 14.18 18.89 -0.16
N SER A 33 13.25 18.24 0.55
CA SER A 33 13.21 18.16 2.02
C SER A 33 12.76 16.76 2.45
N LYS A 34 12.61 16.56 3.74
CA LYS A 34 11.96 15.35 4.28
C LYS A 34 10.51 15.27 3.83
N GLN A 35 10.01 14.05 3.70
CA GLN A 35 8.58 13.80 3.54
C GLN A 35 7.95 14.19 4.89
N ASP A 36 7.08 15.17 4.89
CA ASP A 36 6.56 15.70 6.17
C ASP A 36 5.23 16.35 5.83
N THR A 37 4.60 16.96 6.82
CA THR A 37 3.30 17.63 6.63
C THR A 37 3.41 18.83 5.67
N GLU A 38 4.59 19.43 5.60
CA GLU A 38 4.97 20.37 4.52
C GLU A 38 6.25 19.87 3.90
N VAL A 39 6.34 20.05 2.59
CA VAL A 39 7.55 19.71 1.80
C VAL A 39 7.98 20.95 1.05
N LYS A 40 9.21 20.95 0.63
CA LYS A 40 9.80 22.05 -0.17
C LYS A 40 9.89 21.58 -1.62
N ILE A 41 9.37 22.39 -2.52
CA ILE A 41 9.47 22.12 -3.97
C ILE A 41 9.84 23.44 -4.63
N ASP A 42 10.87 23.47 -5.44
CA ASP A 42 11.33 24.73 -6.09
C ASP A 42 11.47 25.82 -5.03
N GLY A 43 11.94 25.48 -3.86
CA GLY A 43 12.24 26.45 -2.79
C GLY A 43 11.03 26.86 -1.98
N ARG A 44 9.80 26.55 -2.36
N ARG A 44 9.78 26.51 -2.40
CA ARG A 44 8.64 27.03 -1.58
CA ARG A 44 8.46 26.94 -1.84
C ARG A 44 8.11 25.88 -0.74
C ARG A 44 7.85 25.83 -0.97
N ARG A 45 7.17 26.20 0.12
CA ARG A 45 6.53 25.25 1.03
C ARG A 45 5.16 24.86 0.53
N VAL A 46 4.88 23.55 0.59
CA VAL A 46 3.67 22.91 0.09
C VAL A 46 3.12 21.98 1.17
N LEU A 47 1.84 22.09 1.50
CA LEU A 47 1.17 21.14 2.41
C LEU A 47 1.09 19.80 1.69
N MET A 48 1.48 18.74 2.39
CA MET A 48 1.50 17.38 1.82
C MET A 48 0.24 16.63 2.32
N PHE A 49 -0.72 16.42 1.44
CA PHE A 49 -1.92 15.58 1.69
C PHE A 49 -1.97 14.46 0.67
N GLY A 50 -0.80 14.09 0.16
CA GLY A 50 -0.70 13.01 -0.84
C GLY A 50 0.28 11.93 -0.43
N SER A 51 0.52 11.72 0.85
CA SER A 51 1.59 10.79 1.30
C SER A 51 0.97 9.49 1.78
N ASN A 52 1.77 8.43 1.84
CA ASN A 52 1.40 7.17 2.50
C ASN A 52 2.05 7.08 3.89
N SER A 53 2.71 8.11 4.37
CA SER A 53 3.42 8.04 5.65
C SER A 53 2.42 8.31 6.78
N TYR A 54 1.51 7.37 7.00
CA TYR A 54 0.30 7.65 7.82
C TYR A 54 0.65 8.11 9.23
N LEU A 55 1.76 7.68 9.77
CA LEU A 55 2.11 8.03 11.17
C LEU A 55 3.16 9.13 11.21
N GLY A 56 3.56 9.72 10.08
CA GLY A 56 4.50 10.84 10.08
C GLY A 56 5.90 10.45 10.52
N LEU A 57 6.23 9.17 10.49
CA LEU A 57 7.46 8.68 11.15
C LEU A 57 8.73 8.83 10.32
N THR A 58 8.69 9.24 9.06
CA THR A 58 9.97 9.34 8.29
C THR A 58 10.83 10.47 8.85
N THR A 59 10.27 11.34 9.72
CA THR A 59 11.05 12.47 10.31
C THR A 59 11.40 12.18 11.76
N ASP A 60 11.06 11.03 12.31
CA ASP A 60 11.30 10.75 13.74
C ASP A 60 12.79 10.58 13.91
N THR A 61 13.39 11.41 14.76
CA THR A 61 14.85 11.39 14.94
C THR A 61 15.34 10.04 15.46
N ARG A 62 14.55 9.29 16.23
CA ARG A 62 14.99 7.99 16.78
C ARG A 62 15.14 7.01 15.61
N ILE A 63 14.23 7.13 14.65
CA ILE A 63 14.25 6.21 13.48
C ILE A 63 15.40 6.61 12.55
N ILE A 64 15.60 7.91 12.35
CA ILE A 64 16.76 8.40 11.56
C ILE A 64 18.06 7.89 12.22
N LYS A 65 18.17 8.04 13.54
CA LYS A 65 19.43 7.64 14.23
C LYS A 65 19.63 6.14 14.15
N ALA A 66 18.56 5.34 14.28
CA ALA A 66 18.70 3.89 14.17
C ALA A 66 19.27 3.55 12.81
N ALA A 67 18.77 4.19 11.76
CA ALA A 67 19.24 3.91 10.40
C ALA A 67 20.72 4.32 10.25
N GLN A 68 21.06 5.50 10.79
CA GLN A 68 22.45 6.00 10.70
C GLN A 68 23.40 5.07 11.47
N ASP A 69 22.94 4.56 12.63
CA ASP A 69 23.75 3.59 13.41
C ASP A 69 23.94 2.29 12.63
N ALA A 70 22.91 1.81 11.94
CA ALA A 70 23.04 0.59 11.15
C ALA A 70 23.98 0.82 9.96
N LEU A 71 23.97 1.99 9.33
CA LEU A 71 25.01 2.32 8.32
C LEU A 71 26.42 2.22 8.89
N GLU A 72 26.60 2.79 10.09
N GLU A 72 26.65 2.77 10.08
CA GLU A 72 27.90 2.81 10.82
CA GLU A 72 28.01 2.72 10.65
C GLU A 72 28.38 1.37 11.03
C GLU A 72 28.40 1.28 10.92
N LYS A 73 27.49 0.48 11.46
CA LYS A 73 27.86 -0.91 11.84
C LYS A 73 27.94 -1.85 10.63
N TYR A 74 26.97 -1.76 9.72
CA TYR A 74 26.75 -2.76 8.66
C TYR A 74 27.05 -2.23 7.25
N GLY A 75 27.32 -0.93 7.09
CA GLY A 75 27.58 -0.41 5.75
C GLY A 75 26.31 -0.20 4.93
N THR A 76 26.54 0.05 3.65
CA THR A 76 25.50 0.64 2.75
C THR A 76 24.60 -0.40 2.09
N GLY A 77 24.98 -1.67 2.10
CA GLY A 77 24.27 -2.72 1.35
C GLY A 77 24.77 -4.07 1.73
N CYS A 78 24.01 -5.10 1.44
CA CYS A 78 24.39 -6.48 1.75
C CYS A 78 24.97 -7.16 0.50
N ALA A 79 24.67 -6.68 -0.71
CA ALA A 79 25.28 -7.14 -1.98
C ALA A 79 25.05 -8.60 -2.24
N GLY A 80 23.93 -9.14 -1.82
CA GLY A 80 23.56 -10.49 -2.21
C GLY A 80 22.15 -10.87 -1.80
N SER A 81 21.73 -12.03 -2.23
N SER A 81 21.79 -12.07 -2.18
CA SER A 81 20.39 -12.57 -1.87
CA SER A 81 20.49 -12.66 -1.84
C SER A 81 20.43 -13.08 -0.44
C SER A 81 20.45 -13.01 -0.36
N ARG A 82 19.28 -13.00 0.23
CA ARG A 82 19.15 -13.53 1.61
C ARG A 82 19.67 -14.96 1.68
N PHE A 83 19.40 -15.81 0.69
CA PHE A 83 19.72 -17.23 0.94
C PHE A 83 21.20 -17.50 0.88
N LEU A 84 21.94 -16.59 0.23
CA LEU A 84 23.39 -16.70 0.12
C LEU A 84 24.04 -15.75 1.14
N ASN A 85 24.61 -14.66 0.66
CA ASN A 85 25.49 -13.79 1.48
C ASN A 85 24.77 -12.52 1.97
N GLY A 86 23.45 -12.41 1.75
CA GLY A 86 22.70 -11.20 2.05
C GLY A 86 21.84 -11.24 3.27
N THR A 87 21.94 -12.22 4.17
CA THR A 87 21.21 -12.19 5.44
C THR A 87 22.03 -11.56 6.54
N LEU A 88 21.44 -10.63 7.27
CA LEU A 88 22.00 -10.09 8.52
C LEU A 88 21.20 -10.61 9.69
N ASP A 89 21.85 -10.64 10.84
CA ASP A 89 21.13 -10.85 12.13
C ASP A 89 19.91 -9.92 12.22
N ILE A 90 20.03 -8.66 11.83
CA ILE A 90 18.90 -7.72 11.95
C ILE A 90 17.77 -8.06 10.98
N HIS A 91 18.01 -8.66 9.83
CA HIS A 91 16.86 -9.14 9.01
C HIS A 91 16.06 -10.16 9.80
N VAL A 92 16.76 -11.12 10.41
CA VAL A 92 16.11 -12.22 11.17
C VAL A 92 15.33 -11.62 12.34
N GLU A 93 15.95 -10.67 13.07
CA GLU A 93 15.29 -9.95 14.19
C GLU A 93 14.00 -9.33 13.68
N LEU A 94 14.05 -8.63 12.54
CA LEU A 94 12.83 -7.97 12.06
C LEU A 94 11.79 -9.02 11.67
N GLU A 95 12.16 -10.17 11.10
CA GLU A 95 11.20 -11.24 10.78
C GLU A 95 10.54 -11.75 12.07
N GLU A 96 11.34 -11.96 13.12
CA GLU A 96 10.77 -12.51 14.38
C GLU A 96 9.84 -11.44 14.96
N LYS A 97 10.21 -10.16 14.91
CA LYS A 97 9.36 -9.10 15.49
C LYS A 97 8.08 -8.90 14.69
N LEU A 98 8.15 -8.99 13.39
CA LEU A 98 6.90 -8.89 12.59
C LEU A 98 6.03 -10.09 12.84
N SER A 99 6.57 -11.30 12.90
CA SER A 99 5.78 -12.51 13.17
C SER A 99 5.03 -12.29 14.50
N ALA A 100 5.68 -11.78 15.51
CA ALA A 100 5.02 -11.57 16.83
C ALA A 100 3.91 -10.53 16.64
N TYR A 101 4.19 -9.46 15.89
CA TYR A 101 3.25 -8.32 15.76
C TYR A 101 1.96 -8.79 15.12
N VAL A 102 2.03 -9.54 14.04
CA VAL A 102 0.78 -9.94 13.31
C VAL A 102 0.30 -11.30 13.79
N GLY A 103 1.00 -11.96 14.72
CA GLY A 103 0.47 -13.17 15.34
C GLY A 103 0.62 -14.41 14.49
N LYS A 104 1.75 -14.55 13.78
CA LYS A 104 2.05 -15.71 12.93
C LYS A 104 3.36 -16.36 13.36
N GLU A 105 3.56 -17.56 12.94
CA GLU A 105 4.77 -18.35 13.31
C GLU A 105 6.03 -17.71 12.75
N ALA A 106 6.00 -17.21 11.52
CA ALA A 106 7.25 -16.91 10.79
C ALA A 106 6.98 -15.83 9.75
N ALA A 107 8.04 -15.20 9.30
CA ALA A 107 7.96 -14.19 8.22
C ALA A 107 9.23 -14.24 7.38
N ILE A 108 9.07 -13.78 6.15
CA ILE A 108 10.18 -13.56 5.21
C ILE A 108 10.06 -12.15 4.67
N LEU A 109 11.16 -11.40 4.77
CA LEU A 109 11.23 -10.04 4.20
C LEU A 109 11.44 -10.15 2.69
N PHE A 110 11.05 -9.10 2.00
CA PHE A 110 11.44 -8.80 0.61
C PHE A 110 11.90 -7.36 0.53
N SER A 111 12.64 -7.03 -0.53
CA SER A 111 13.30 -5.73 -0.63
C SER A 111 12.33 -4.60 -1.01
N THR A 112 11.13 -4.95 -1.47
CA THR A 112 10.01 -4.00 -1.68
C THR A 112 8.72 -4.66 -1.32
N GLY A 113 7.73 -3.84 -1.04
CA GLY A 113 6.33 -4.33 -0.94
C GLY A 113 5.90 -5.04 -2.22
N PHE A 114 6.22 -4.44 -3.35
CA PHE A 114 5.81 -5.00 -4.66
C PHE A 114 6.29 -6.42 -4.77
N GLN A 115 7.57 -6.65 -4.46
CA GLN A 115 8.19 -8.01 -4.57
C GLN A 115 7.63 -8.95 -3.48
N SER A 116 7.11 -8.42 -2.37
CA SER A 116 6.46 -9.19 -1.31
C SER A 116 5.19 -9.84 -1.86
N ASN A 117 4.48 -9.19 -2.74
CA ASN A 117 3.32 -9.86 -3.39
C ASN A 117 3.79 -10.79 -4.50
N LEU A 118 4.80 -10.41 -5.28
CA LEU A 118 5.26 -11.32 -6.37
C LEU A 118 5.64 -12.69 -5.79
N GLY A 119 6.21 -12.74 -4.61
CA GLY A 119 6.77 -13.99 -4.09
C GLY A 119 5.69 -15.06 -3.93
N PRO A 120 4.76 -14.94 -2.96
CA PRO A 120 3.78 -15.99 -2.70
C PRO A 120 2.82 -16.20 -3.89
N LEU A 121 2.46 -15.15 -4.61
CA LEU A 121 1.49 -15.31 -5.72
C LEU A 121 2.12 -16.06 -6.87
N SER A 122 3.41 -15.94 -7.09
CA SER A 122 4.08 -16.64 -8.22
C SER A 122 4.30 -18.12 -7.96
N CYS A 123 4.47 -18.57 -6.70
CA CYS A 123 5.11 -19.89 -6.47
C CYS A 123 4.22 -20.86 -5.69
N LEU A 124 3.08 -20.47 -5.16
CA LEU A 124 2.26 -21.43 -4.35
C LEU A 124 1.26 -22.15 -5.24
N MET A 125 0.43 -21.45 -5.97
CA MET A 125 -0.52 -22.08 -6.93
C MET A 125 0.21 -22.36 -8.24
N GLY A 126 -0.02 -23.52 -8.83
CA GLY A 126 0.65 -23.87 -10.10
C GLY A 126 -0.34 -24.31 -11.16
N ARG A 127 0.15 -25.10 -12.12
CA ARG A 127 -0.68 -25.64 -13.21
C ARG A 127 -1.85 -26.38 -12.53
N ASN A 128 -3.02 -26.16 -13.06
CA ASN A 128 -4.25 -26.84 -12.61
C ASN A 128 -4.77 -26.25 -11.30
N ASP A 129 -4.13 -25.20 -10.78
CA ASP A 129 -4.64 -24.48 -9.58
C ASP A 129 -5.20 -23.12 -10.01
N TYR A 130 -5.75 -22.39 -9.03
CA TYR A 130 -6.46 -21.12 -9.30
C TYR A 130 -6.10 -20.07 -8.25
N ILE A 131 -6.00 -18.83 -8.72
CA ILE A 131 -5.85 -17.64 -7.85
C ILE A 131 -7.10 -16.79 -8.11
N LEU A 132 -7.75 -16.39 -7.04
CA LEU A 132 -8.97 -15.55 -7.09
C LEU A 132 -8.59 -14.18 -6.52
N LEU A 133 -8.79 -13.13 -7.32
CA LEU A 133 -8.39 -11.77 -7.01
C LEU A 133 -9.57 -10.81 -6.99
N ASP A 134 -9.67 -9.97 -5.98
CA ASP A 134 -10.64 -8.85 -6.08
C ASP A 134 -10.21 -8.00 -7.27
N GLU A 135 -11.17 -7.55 -8.09
CA GLU A 135 -10.80 -6.82 -9.33
C GLU A 135 -10.08 -5.51 -9.05
N ARG A 136 -10.18 -4.95 -7.85
CA ARG A 136 -9.50 -3.69 -7.44
C ARG A 136 -8.18 -3.95 -6.72
N ASP A 137 -7.71 -5.20 -6.71
CA ASP A 137 -6.43 -5.53 -6.03
C ASP A 137 -5.31 -4.66 -6.61
N HIS A 138 -4.29 -4.44 -5.80
CA HIS A 138 -3.13 -3.63 -6.18
C HIS A 138 -2.44 -4.28 -7.39
N ALA A 139 -1.82 -3.46 -8.22
CA ALA A 139 -1.13 -3.93 -9.42
C ALA A 139 -0.15 -5.05 -9.09
N SER A 140 0.56 -4.98 -7.95
CA SER A 140 1.60 -6.01 -7.64
C SER A 140 0.96 -7.39 -7.41
N ILE A 141 -0.28 -7.42 -6.95
CA ILE A 141 -1.04 -8.68 -6.75
C ILE A 141 -1.40 -9.26 -8.11
N ILE A 142 -1.94 -8.44 -9.01
N ILE A 142 -1.95 -8.41 -8.98
CA ILE A 142 -2.23 -8.99 -10.37
CA ILE A 142 -2.25 -8.83 -10.39
C ILE A 142 -0.92 -9.47 -10.99
C ILE A 142 -0.97 -9.40 -11.01
N ASP A 143 0.14 -8.68 -10.89
CA ASP A 143 1.40 -9.07 -11.54
C ASP A 143 1.95 -10.34 -10.89
N GLY A 144 1.93 -10.45 -9.56
CA GLY A 144 2.39 -11.67 -8.89
C GLY A 144 1.65 -12.89 -9.36
N SER A 145 0.33 -12.72 -9.51
CA SER A 145 -0.55 -13.81 -9.93
C SER A 145 -0.27 -14.19 -11.38
N ARG A 146 0.02 -13.22 -12.23
CA ARG A 146 0.40 -13.49 -13.63
C ARG A 146 1.72 -14.24 -13.69
N LEU A 147 2.61 -14.09 -12.69
CA LEU A 147 3.88 -14.84 -12.69
C LEU A 147 3.69 -16.27 -12.21
N SER A 148 2.53 -16.63 -11.66
CA SER A 148 2.24 -18.03 -11.37
C SER A 148 2.00 -18.78 -12.67
N PHE A 149 1.93 -20.09 -12.57
CA PHE A 149 1.51 -20.96 -13.69
C PHE A 149 0.06 -21.38 -13.51
N SER A 150 -0.66 -20.71 -12.63
CA SER A 150 -2.07 -20.97 -12.33
C SER A 150 -3.01 -20.16 -13.22
N LYS A 151 -4.30 -20.50 -13.15
CA LYS A 151 -5.36 -19.69 -13.76
C LYS A 151 -5.84 -18.62 -12.79
N VAL A 152 -5.72 -17.36 -13.23
CA VAL A 152 -6.09 -16.18 -12.41
C VAL A 152 -7.50 -15.77 -12.79
N ILE A 153 -8.33 -15.64 -11.78
CA ILE A 153 -9.77 -15.30 -11.94
C ILE A 153 -10.01 -14.05 -11.10
N LYS A 154 -10.53 -13.00 -11.68
CA LYS A 154 -10.93 -11.80 -10.91
C LYS A 154 -12.39 -11.93 -10.50
N TYR A 155 -12.74 -11.44 -9.32
CA TYR A 155 -14.14 -11.36 -8.86
C TYR A 155 -14.46 -9.91 -8.59
N GLY A 156 -15.77 -9.62 -8.62
CA GLY A 156 -16.19 -8.24 -8.45
C GLY A 156 -15.76 -7.66 -7.12
N HIS A 157 -15.57 -6.36 -7.12
CA HIS A 157 -15.02 -5.65 -5.95
C HIS A 157 -15.84 -5.89 -4.70
N ASN A 158 -15.28 -6.52 -3.68
CA ASN A 158 -15.96 -6.89 -2.43
C ASN A 158 -17.26 -7.62 -2.70
N ASN A 159 -17.33 -8.35 -3.80
CA ASN A 159 -18.57 -9.06 -4.20
C ASN A 159 -18.42 -10.50 -3.78
N MET A 160 -18.96 -10.81 -2.61
CA MET A 160 -18.82 -12.16 -2.07
C MET A 160 -19.65 -13.17 -2.83
N GLU A 161 -20.82 -12.75 -3.36
CA GLU A 161 -21.64 -13.67 -4.19
C GLU A 161 -20.83 -14.06 -5.43
N ASP A 162 -20.11 -13.12 -6.03
CA ASP A 162 -19.30 -13.43 -7.23
C ASP A 162 -18.12 -14.33 -6.85
N LEU A 163 -17.45 -14.02 -5.76
CA LEU A 163 -16.35 -14.92 -5.32
C LEU A 163 -16.87 -16.35 -5.12
N ARG A 164 -17.95 -16.52 -4.35
CA ARG A 164 -18.47 -17.84 -4.08
C ARG A 164 -18.88 -18.53 -5.37
N ALA A 165 -19.56 -17.81 -6.27
CA ALA A 165 -20.02 -18.41 -7.53
C ALA A 165 -18.81 -18.93 -8.32
N LYS A 166 -17.78 -18.10 -8.45
N LYS A 166 -17.78 -18.09 -8.42
CA LYS A 166 -16.59 -18.47 -9.25
CA LYS A 166 -16.58 -18.40 -9.24
C LYS A 166 -15.86 -19.66 -8.61
C LYS A 166 -15.80 -19.56 -8.62
N LEU A 167 -15.72 -19.65 -7.29
CA LEU A 167 -15.10 -20.82 -6.61
C LEU A 167 -15.92 -22.09 -6.88
N SER A 168 -17.25 -21.97 -6.96
N SER A 168 -17.25 -21.97 -6.96
CA SER A 168 -18.19 -23.11 -7.12
CA SER A 168 -18.17 -23.14 -7.10
C SER A 168 -18.00 -23.82 -8.45
C SER A 168 -18.00 -23.82 -8.46
N ARG A 169 -17.51 -23.11 -9.47
CA ARG A 169 -17.34 -23.63 -10.83
C ARG A 169 -16.05 -24.46 -10.96
N LEU A 170 -15.15 -24.42 -9.96
CA LEU A 170 -13.79 -24.97 -10.12
C LEU A 170 -13.74 -26.44 -9.71
N PRO A 171 -12.84 -27.23 -10.34
CA PRO A 171 -12.67 -28.62 -9.94
C PRO A 171 -12.31 -28.74 -8.46
N GLU A 172 -12.88 -29.74 -7.77
CA GLU A 172 -12.58 -29.98 -6.35
C GLU A 172 -11.09 -30.29 -6.16
N ASP A 173 -10.52 -31.09 -7.08
N ASP A 173 -10.47 -31.03 -7.09
CA ASP A 173 -9.11 -31.53 -7.11
CA ASP A 173 -9.08 -31.56 -6.97
C ASP A 173 -8.28 -30.42 -7.76
C ASP A 173 -8.08 -30.53 -7.52
N SER A 174 -8.20 -29.30 -7.06
CA SER A 174 -7.31 -28.17 -7.45
C SER A 174 -7.13 -27.34 -6.20
N ALA A 175 -5.96 -26.74 -6.08
CA ALA A 175 -5.74 -25.78 -4.98
C ALA A 175 -6.21 -24.41 -5.46
N LYS A 176 -6.67 -23.62 -4.50
CA LYS A 176 -7.17 -22.25 -4.74
C LYS A 176 -6.54 -21.33 -3.70
N LEU A 177 -6.24 -20.12 -4.12
N LEU A 177 -6.24 -20.10 -4.11
CA LEU A 177 -5.79 -19.06 -3.20
CA LEU A 177 -5.73 -19.03 -3.21
C LEU A 177 -6.57 -17.80 -3.52
C LEU A 177 -6.47 -17.73 -3.52
N ILE A 178 -7.09 -17.15 -2.50
CA ILE A 178 -7.78 -15.84 -2.60
C ILE A 178 -6.84 -14.78 -2.07
N CYS A 179 -6.58 -13.75 -2.87
CA CYS A 179 -5.73 -12.63 -2.46
C CYS A 179 -6.51 -11.33 -2.57
N THR A 180 -6.49 -10.57 -1.50
CA THR A 180 -7.20 -9.29 -1.42
C THR A 180 -6.35 -8.21 -0.76
N ASP A 181 -6.45 -6.96 -1.20
CA ASP A 181 -6.02 -5.84 -0.34
C ASP A 181 -6.84 -5.88 0.96
N GLY A 182 -6.29 -5.39 2.03
CA GLY A 182 -7.01 -5.21 3.28
C GLY A 182 -7.78 -3.91 3.25
N ILE A 183 -7.07 -2.78 3.32
CA ILE A 183 -7.59 -1.48 2.86
C ILE A 183 -7.21 -1.29 1.39
N PHE A 184 -8.20 -1.01 0.53
CA PHE A 184 -8.01 -0.70 -0.88
C PHE A 184 -7.70 0.80 -1.04
N SER A 185 -6.62 1.17 -1.70
CA SER A 185 -6.14 2.58 -1.60
C SER A 185 -6.93 3.56 -2.47
N MET A 186 -7.68 3.13 -3.48
N MET A 186 -7.63 3.10 -3.51
CA MET A 186 -8.35 4.14 -4.37
CA MET A 186 -8.41 4.04 -4.37
C MET A 186 -9.56 4.76 -3.65
C MET A 186 -9.45 4.76 -3.52
N GLU A 187 -10.40 3.98 -2.97
CA GLU A 187 -11.55 4.54 -2.23
C GLU A 187 -11.33 4.41 -0.73
N GLY A 188 -10.27 3.72 -0.30
CA GLY A 188 -9.99 3.64 1.15
C GLY A 188 -10.90 2.70 1.91
N ASP A 189 -11.55 1.76 1.24
CA ASP A 189 -12.54 0.81 1.76
C ASP A 189 -11.85 -0.45 2.24
N ILE A 190 -12.55 -1.18 3.12
CA ILE A 190 -12.01 -2.40 3.76
C ILE A 190 -12.63 -3.65 3.16
N VAL A 191 -11.83 -4.65 2.88
CA VAL A 191 -12.32 -5.95 2.45
C VAL A 191 -13.36 -6.52 3.45
N ASN A 192 -14.39 -7.19 2.94
CA ASN A 192 -15.35 -7.98 3.76
C ASN A 192 -14.66 -9.26 4.21
N LEU A 193 -13.66 -9.14 5.07
CA LEU A 193 -12.88 -10.34 5.48
C LEU A 193 -13.75 -11.42 6.17
N PRO A 194 -14.77 -11.06 7.00
CA PRO A 194 -15.56 -12.14 7.59
C PRO A 194 -16.22 -13.04 6.55
N GLU A 195 -16.83 -12.45 5.52
N GLU A 195 -16.83 -12.44 5.53
CA GLU A 195 -17.53 -13.30 4.52
CA GLU A 195 -17.52 -13.28 4.53
C GLU A 195 -16.51 -13.98 3.60
C GLU A 195 -16.50 -13.97 3.61
N LEU A 196 -15.42 -13.27 3.26
CA LEU A 196 -14.40 -13.86 2.36
C LEU A 196 -13.80 -15.12 3.00
N THR A 197 -13.51 -15.02 4.29
CA THR A 197 -12.89 -16.16 4.99
C THR A 197 -13.92 -17.27 5.22
N SER A 198 -15.18 -16.92 5.41
N SER A 198 -15.19 -16.92 5.42
CA SER A 198 -16.25 -17.96 5.55
CA SER A 198 -16.25 -17.94 5.54
C SER A 198 -16.32 -18.77 4.25
C SER A 198 -16.31 -18.76 4.25
N ILE A 199 -16.29 -18.07 3.11
CA ILE A 199 -16.28 -18.72 1.78
C ILE A 199 -14.98 -19.53 1.61
N ALA A 200 -13.83 -18.96 1.95
CA ALA A 200 -12.56 -19.68 1.81
C ALA A 200 -12.60 -21.00 2.60
N ASN A 201 -13.16 -20.93 3.79
CA ASN A 201 -13.23 -22.16 4.64
C ASN A 201 -14.12 -23.21 3.98
N GLU A 202 -15.21 -22.79 3.35
N GLU A 202 -15.24 -22.77 3.40
CA GLU A 202 -16.17 -23.75 2.73
CA GLU A 202 -16.18 -23.67 2.67
C GLU A 202 -15.51 -24.43 1.51
C GLU A 202 -15.46 -24.44 1.57
N PHE A 203 -14.61 -23.74 0.81
CA PHE A 203 -13.93 -24.28 -0.39
C PHE A 203 -12.47 -24.70 -0.13
N ASP A 204 -12.04 -24.65 1.13
CA ASP A 204 -10.63 -24.95 1.52
C ASP A 204 -9.62 -24.14 0.67
N ALA A 205 -9.93 -22.88 0.41
CA ALA A 205 -9.02 -21.96 -0.31
C ALA A 205 -8.09 -21.28 0.70
N ALA A 206 -6.83 -21.14 0.30
CA ALA A 206 -5.87 -20.31 1.04
C ALA A 206 -6.31 -18.85 0.98
N VAL A 207 -6.01 -18.08 2.02
CA VAL A 207 -6.35 -16.64 2.10
C VAL A 207 -5.08 -15.86 2.31
N MET A 208 -4.85 -14.87 1.46
CA MET A 208 -3.74 -13.91 1.62
C MET A 208 -4.32 -12.51 1.63
N VAL A 209 -3.92 -11.73 2.62
CA VAL A 209 -4.35 -10.31 2.77
C VAL A 209 -3.13 -9.41 2.61
N ASP A 210 -3.22 -8.41 1.78
CA ASP A 210 -2.20 -7.36 1.58
C ASP A 210 -2.53 -6.16 2.44
N ASP A 211 -1.76 -5.96 3.48
CA ASP A 211 -2.02 -4.93 4.50
C ASP A 211 -1.11 -3.72 4.34
N ALA A 212 -0.67 -3.43 3.13
CA ALA A 212 0.09 -2.20 2.84
C ALA A 212 -0.51 -0.99 3.54
N HIS A 213 -1.79 -0.72 3.33
CA HIS A 213 -2.45 0.49 3.86
C HIS A 213 -3.07 0.23 5.23
N SER A 214 -3.00 -0.99 5.75
CA SER A 214 -3.67 -1.37 7.03
C SER A 214 -2.69 -1.34 8.18
N LEU A 215 -1.42 -1.70 7.97
N LEU A 215 -1.46 -1.80 7.98
CA LEU A 215 -0.44 -1.75 9.10
CA LEU A 215 -0.49 -1.81 9.08
C LEU A 215 -0.18 -0.34 9.62
C LEU A 215 -0.29 -0.38 9.60
N GLY A 216 -0.31 -0.18 10.93
CA GLY A 216 -0.20 1.13 11.56
C GLY A 216 -1.47 1.94 11.47
N VAL A 217 -2.55 1.37 10.95
CA VAL A 217 -3.80 2.08 10.66
C VAL A 217 -4.98 1.39 11.35
N ILE A 218 -5.24 0.13 11.04
CA ILE A 218 -6.33 -0.68 11.66
C ILE A 218 -5.70 -1.88 12.34
N GLY A 219 -6.50 -2.51 13.21
CA GLY A 219 -6.07 -3.62 14.04
C GLY A 219 -5.51 -3.15 15.38
N HIS A 220 -5.39 -4.11 16.30
CA HIS A 220 -4.88 -3.81 17.64
C HIS A 220 -3.43 -3.34 17.49
N LYS A 221 -3.12 -2.15 17.95
CA LYS A 221 -1.76 -1.53 17.89
C LYS A 221 -1.32 -1.46 16.42
N GLY A 222 -2.28 -1.42 15.52
CA GLY A 222 -2.03 -1.28 14.07
C GLY A 222 -1.72 -2.58 13.38
N ALA A 223 -1.94 -3.73 13.96
CA ALA A 223 -1.44 -5.03 13.41
C ALA A 223 -2.19 -5.51 12.17
N GLY A 224 -3.19 -4.75 11.72
CA GLY A 224 -3.76 -4.95 10.36
C GLY A 224 -5.16 -5.49 10.29
N THR A 225 -5.51 -6.05 9.14
CA THR A 225 -6.92 -6.30 8.77
C THR A 225 -7.40 -7.55 9.50
N ALA A 226 -6.65 -8.66 9.47
CA ALA A 226 -7.03 -9.87 10.24
C ALA A 226 -7.22 -9.44 11.68
N SER A 227 -6.31 -8.66 12.26
CA SER A 227 -6.43 -8.21 13.67
C SER A 227 -7.72 -7.42 13.84
N HIS A 228 -8.03 -6.51 12.93
CA HIS A 228 -9.23 -5.63 12.97
C HIS A 228 -10.48 -6.50 13.11
N PHE A 229 -10.56 -7.63 12.43
CA PHE A 229 -11.76 -8.50 12.39
C PHE A 229 -11.68 -9.68 13.37
N GLY A 230 -10.53 -9.92 13.99
CA GLY A 230 -10.38 -11.06 14.90
C GLY A 230 -10.10 -12.34 14.16
N LEU A 231 -9.69 -12.28 12.88
CA LEU A 231 -9.69 -13.44 11.97
C LEU A 231 -8.27 -13.94 11.63
N ASN A 232 -7.31 -13.69 12.52
CA ASN A 232 -5.96 -14.24 12.35
C ASN A 232 -6.02 -15.72 11.97
N ASP A 233 -6.83 -16.55 12.64
CA ASP A 233 -6.80 -18.01 12.40
C ASP A 233 -7.46 -18.45 11.08
N ASP A 234 -8.07 -17.51 10.33
CA ASP A 234 -8.71 -17.81 9.04
C ASP A 234 -7.91 -17.19 7.88
N VAL A 235 -6.79 -16.57 8.16
CA VAL A 235 -5.91 -15.93 7.15
C VAL A 235 -4.58 -16.67 7.10
N ASP A 236 -4.27 -17.29 5.99
CA ASP A 236 -3.01 -18.07 5.88
C ASP A 236 -1.79 -17.18 5.79
N LEU A 237 -1.88 -16.06 5.06
CA LEU A 237 -0.70 -15.23 4.75
C LEU A 237 -1.06 -13.78 4.96
N ILE A 238 -0.33 -13.10 5.81
CA ILE A 238 -0.45 -11.63 6.01
C ILE A 238 0.75 -11.00 5.38
N MET A 239 0.54 -10.21 4.36
CA MET A 239 1.59 -9.50 3.64
C MET A 239 1.51 -8.06 4.11
N GLY A 240 2.64 -7.43 4.25
CA GLY A 240 2.68 -5.99 4.49
C GLY A 240 3.82 -5.32 3.79
N THR A 241 3.82 -3.99 3.79
N THR A 241 3.82 -3.98 3.86
CA THR A 241 4.94 -3.18 3.25
CA THR A 241 4.88 -3.15 3.26
C THR A 241 5.51 -2.30 4.35
C THR A 241 5.48 -2.23 4.34
N PHE A 242 6.72 -1.82 4.12
CA PHE A 242 7.40 -0.92 5.08
C PHE A 242 7.40 0.50 4.57
N SER A 243 6.84 0.78 3.41
CA SER A 243 6.97 2.05 2.67
C SER A 243 5.86 3.04 3.06
N LYS A 244 5.04 2.76 4.07
CA LYS A 244 3.86 3.62 4.38
C LYS A 244 3.92 3.99 5.87
N SER A 245 3.13 3.40 6.72
CA SER A 245 3.28 3.72 8.18
C SER A 245 4.71 3.49 8.66
N LEU A 246 5.34 2.42 8.21
CA LEU A 246 6.66 2.05 8.76
C LEU A 246 7.85 2.86 8.22
N ALA A 247 7.64 3.80 7.33
CA ALA A 247 8.54 4.94 7.06
C ALA A 247 9.81 4.53 6.35
N SER A 248 9.77 3.46 5.56
N SER A 248 9.83 3.31 5.81
CA SER A 248 11.02 2.84 5.08
CA SER A 248 11.04 2.70 5.22
C SER A 248 10.85 2.27 3.67
C SER A 248 10.74 2.19 3.80
N LEU A 249 11.38 1.07 3.43
CA LEU A 249 11.26 0.46 2.09
C LEU A 249 11.39 -1.02 2.33
N GLY A 250 10.61 -1.82 1.65
CA GLY A 250 10.63 -3.27 1.86
C GLY A 250 9.23 -3.79 2.17
N GLY A 251 9.12 -5.09 2.37
CA GLY A 251 7.89 -5.69 2.87
C GLY A 251 8.11 -7.04 3.41
N PHE A 252 7.04 -7.74 3.69
CA PHE A 252 7.17 -9.08 4.28
C PHE A 252 5.94 -9.89 3.93
N VAL A 253 6.05 -11.20 4.11
CA VAL A 253 4.93 -12.16 4.16
C VAL A 253 5.06 -12.98 5.42
N ALA A 254 4.00 -13.06 6.20
CA ALA A 254 4.00 -13.80 7.48
C ALA A 254 2.96 -14.92 7.40
N GLY A 255 3.24 -16.03 8.07
CA GLY A 255 2.35 -17.17 8.08
C GLY A 255 2.93 -18.34 8.83
N ASP A 256 2.45 -19.52 8.51
CA ASP A 256 2.91 -20.75 9.17
C ASP A 256 4.36 -20.98 8.75
N ALA A 257 5.16 -21.52 9.68
CA ALA A 257 6.60 -21.80 9.41
C ALA A 257 6.80 -22.64 8.17
N ASP A 258 6.01 -23.67 7.95
CA ASP A 258 6.24 -24.57 6.79
C ASP A 258 6.03 -23.81 5.46
N VAL A 259 4.97 -22.99 5.42
CA VAL A 259 4.63 -22.20 4.22
C VAL A 259 5.74 -21.15 4.00
N ILE A 260 6.15 -20.50 5.08
CA ILE A 260 7.18 -19.45 4.96
C ILE A 260 8.51 -20.07 4.53
N ASP A 261 8.83 -21.24 5.06
N ASP A 261 8.87 -21.26 5.03
CA ASP A 261 10.06 -21.95 4.64
CA ASP A 261 10.12 -21.94 4.59
C ASP A 261 10.00 -22.27 3.14
C ASP A 261 10.02 -22.30 3.10
N PHE A 262 8.85 -22.75 2.65
CA PHE A 262 8.70 -23.00 1.22
C PHE A 262 8.92 -21.69 0.45
N LEU A 263 8.28 -20.60 0.87
N LEU A 263 8.25 -20.66 0.96
CA LEU A 263 8.40 -19.32 0.09
CA LEU A 263 8.21 -19.36 0.25
C LEU A 263 9.84 -18.86 0.04
C LEU A 263 9.63 -18.80 0.13
N LYS A 264 10.45 -18.85 1.20
CA LYS A 264 11.78 -18.18 1.23
C LYS A 264 12.75 -18.94 0.35
N HIS A 265 12.51 -20.20 0.02
CA HIS A 265 13.39 -20.99 -0.87
C HIS A 265 12.86 -21.06 -2.30
N ASN A 266 11.63 -20.62 -2.59
CA ASN A 266 10.99 -20.85 -3.92
C ASN A 266 10.52 -19.56 -4.60
N ALA A 267 10.43 -18.46 -3.89
CA ALA A 267 9.96 -17.20 -4.50
C ALA A 267 11.12 -16.56 -5.22
N ARG A 268 11.01 -16.39 -6.52
CA ARG A 268 12.05 -15.73 -7.33
C ARG A 268 12.34 -14.31 -6.85
N SER A 269 11.34 -13.60 -6.36
CA SER A 269 11.56 -12.19 -5.96
C SER A 269 12.36 -12.07 -4.67
N VAL A 270 12.62 -13.16 -3.95
CA VAL A 270 13.59 -13.16 -2.82
C VAL A 270 14.81 -13.98 -3.18
N MET A 271 14.73 -15.05 -3.96
N MET A 271 14.70 -15.06 -3.94
CA MET A 271 15.95 -15.84 -4.33
CA MET A 271 15.89 -15.87 -4.37
C MET A 271 16.88 -15.00 -5.21
C MET A 271 16.86 -14.97 -5.17
N PHE A 272 16.33 -14.11 -6.02
CA PHE A 272 17.08 -13.49 -7.14
C PHE A 272 17.03 -11.98 -7.07
N SER A 273 17.08 -11.42 -5.86
CA SER A 273 17.07 -9.97 -5.64
C SER A 273 17.79 -9.70 -4.32
N ALA A 274 18.56 -8.63 -4.31
CA ALA A 274 19.37 -8.27 -3.14
C ALA A 274 18.48 -7.88 -1.97
N SER A 275 18.93 -8.18 -0.77
CA SER A 275 18.19 -7.96 0.47
C SER A 275 18.11 -6.48 0.86
N MET A 276 17.16 -6.18 1.73
CA MET A 276 16.98 -4.83 2.27
C MET A 276 18.29 -4.29 2.81
N THR A 277 18.53 -3.00 2.63
CA THR A 277 19.77 -2.38 3.18
C THR A 277 19.67 -2.34 4.69
N PRO A 278 20.84 -2.37 5.36
CA PRO A 278 20.82 -2.28 6.82
C PRO A 278 20.01 -1.08 7.36
N ALA A 279 20.20 0.06 6.75
CA ALA A 279 19.50 1.28 7.18
C ALA A 279 17.98 1.07 7.16
N SER A 280 17.46 0.41 6.12
CA SER A 280 16.00 0.20 6.00
C SER A 280 15.55 -0.85 7.03
N VAL A 281 16.36 -1.87 7.31
CA VAL A 281 15.98 -2.85 8.34
C VAL A 281 15.86 -2.14 9.69
N ALA A 282 16.89 -1.36 10.03
CA ALA A 282 16.92 -0.66 11.33
C ALA A 282 15.76 0.34 11.40
N SER A 283 15.46 1.09 10.34
N SER A 283 15.54 1.10 10.31
CA SER A 283 14.36 2.10 10.44
CA SER A 283 14.42 2.06 10.25
C SER A 283 13.03 1.36 10.62
C SER A 283 13.12 1.34 10.63
N THR A 284 12.85 0.24 9.94
CA THR A 284 11.59 -0.53 10.08
C THR A 284 11.48 -1.06 11.52
N LEU A 285 12.56 -1.64 12.04
CA LEU A 285 12.56 -2.14 13.44
C LEU A 285 12.18 -1.02 14.40
N LYS A 286 12.79 0.15 14.26
CA LYS A 286 12.51 1.22 15.23
C LYS A 286 11.10 1.76 15.07
N ALA A 287 10.63 1.92 13.84
CA ALA A 287 9.24 2.36 13.59
C ALA A 287 8.26 1.35 14.21
N LEU A 288 8.50 0.08 14.05
CA LEU A 288 7.59 -0.97 14.57
C LEU A 288 7.51 -0.87 16.10
N GLU A 289 8.66 -0.65 16.74
N GLU A 289 8.67 -0.69 16.74
CA GLU A 289 8.73 -0.50 18.23
CA GLU A 289 8.73 -0.45 18.22
C GLU A 289 7.91 0.74 18.61
C GLU A 289 7.82 0.72 18.55
N ILE A 290 8.08 1.87 17.91
CA ILE A 290 7.31 3.12 18.22
C ILE A 290 5.80 2.94 18.02
N ILE A 291 5.36 2.27 16.97
CA ILE A 291 3.91 2.14 16.67
C ILE A 291 3.22 1.40 17.83
N GLN A 292 3.91 0.40 18.36
CA GLN A 292 3.30 -0.41 19.44
C GLN A 292 3.42 0.30 20.78
N ASN A 293 4.55 0.89 21.06
CA ASN A 293 4.82 1.47 22.41
C ASN A 293 4.18 2.83 22.62
N GLU A 294 3.88 3.59 21.57
CA GLU A 294 3.38 4.97 21.66
C GLU A 294 2.05 5.00 20.95
N PRO A 295 0.93 4.72 21.64
CA PRO A 295 -0.38 4.68 21.02
C PRO A 295 -0.86 6.00 20.42
N GLU A 296 -0.26 7.09 20.84
CA GLU A 296 -0.69 8.45 20.39
C GLU A 296 -0.62 8.60 18.87
N HIS A 297 0.30 7.88 18.20
CA HIS A 297 0.48 8.08 16.72
C HIS A 297 -0.80 7.63 16.03
N ILE A 298 -1.20 6.39 16.22
CA ILE A 298 -2.46 5.88 15.63
C ILE A 298 -3.64 6.75 16.08
N GLU A 299 -3.75 7.07 17.36
N GLU A 299 -3.63 7.17 17.35
CA GLU A 299 -4.95 7.82 17.86
CA GLU A 299 -4.70 8.05 17.90
C GLU A 299 -5.10 9.13 17.09
C GLU A 299 -4.75 9.35 17.09
N LYS A 300 -4.02 9.87 16.89
N LYS A 300 -3.60 9.97 16.92
CA LYS A 300 -4.07 11.22 16.26
CA LYS A 300 -3.53 11.28 16.25
C LYS A 300 -4.26 11.04 14.76
C LYS A 300 -3.96 11.16 14.79
N LEU A 301 -3.61 10.05 14.13
CA LEU A 301 -3.99 9.74 12.74
C LEU A 301 -5.51 9.72 12.61
N TRP A 302 -6.18 9.03 13.54
CA TRP A 302 -7.65 8.89 13.45
C TRP A 302 -8.36 10.18 13.87
N LYS A 303 -7.83 10.93 14.81
CA LYS A 303 -8.42 12.24 15.17
C LYS A 303 -8.39 13.13 13.92
N ASN A 304 -7.26 13.14 13.22
CA ASN A 304 -7.13 13.95 11.99
C ASN A 304 -8.07 13.44 10.91
N THR A 305 -8.16 12.14 10.73
CA THR A 305 -8.99 11.53 9.69
C THR A 305 -10.43 11.93 9.99
N ASP A 306 -10.88 11.75 11.22
CA ASP A 306 -12.31 12.00 11.54
C ASP A 306 -12.62 13.49 11.36
N TYR A 307 -11.68 14.35 11.76
CA TYR A 307 -11.85 15.80 11.63
C TYR A 307 -11.93 16.18 10.15
N ALA A 308 -10.95 15.74 9.35
CA ALA A 308 -10.90 16.17 7.95
C ALA A 308 -12.11 15.64 7.19
N LYS A 309 -12.53 14.39 7.41
CA LYS A 309 -13.68 13.78 6.74
C LYS A 309 -14.92 14.60 7.08
N ALA A 310 -15.15 14.88 8.35
CA ALA A 310 -16.31 15.71 8.75
C ALA A 310 -16.24 17.04 8.01
N GLN A 311 -15.09 17.71 7.99
CA GLN A 311 -14.94 19.08 7.42
C GLN A 311 -15.22 19.01 5.92
N LEU A 312 -14.74 17.96 5.21
CA LEU A 312 -14.93 17.83 3.75
C LEU A 312 -16.42 17.67 3.48
N LEU A 313 -17.11 16.82 4.24
CA LEU A 313 -18.55 16.52 4.01
C LEU A 313 -19.35 17.77 4.31
N ASP A 314 -18.91 18.52 5.32
CA ASP A 314 -19.61 19.76 5.76
C ASP A 314 -19.49 20.83 4.68
N HIS A 315 -18.36 20.88 3.97
CA HIS A 315 -18.16 21.86 2.87
C HIS A 315 -18.79 21.36 1.57
N GLY A 316 -19.40 20.18 1.56
CA GLY A 316 -20.17 19.63 0.44
C GLY A 316 -19.34 18.87 -0.57
N PHE A 317 -18.13 18.48 -0.20
CA PHE A 317 -17.35 17.59 -1.09
C PHE A 317 -18.06 16.25 -1.18
N ASP A 318 -17.94 15.60 -2.33
CA ASP A 318 -18.48 14.27 -2.64
C ASP A 318 -17.39 13.24 -2.36
N LEU A 319 -17.49 12.53 -1.23
CA LEU A 319 -16.46 11.57 -0.80
C LEU A 319 -16.82 10.15 -1.23
N GLY A 320 -15.80 9.36 -1.53
CA GLY A 320 -15.95 7.92 -1.77
C GLY A 320 -16.16 7.16 -0.45
N ALA A 321 -16.43 5.85 -0.56
CA ALA A 321 -16.83 4.95 0.54
C ALA A 321 -15.60 4.56 1.37
N THR A 322 -14.90 5.54 1.91
CA THR A 322 -13.66 5.28 2.66
C THR A 322 -14.01 4.79 4.07
N GLU A 323 -13.14 3.96 4.62
CA GLU A 323 -13.12 3.54 6.03
C GLU A 323 -11.72 3.72 6.60
N SER A 324 -10.96 4.63 6.03
CA SER A 324 -9.52 4.78 6.32
C SER A 324 -9.09 6.23 6.28
N PRO A 325 -7.79 6.54 6.56
CA PRO A 325 -7.25 7.89 6.37
C PRO A 325 -7.12 8.39 4.91
N ILE A 326 -7.52 7.55 3.96
CA ILE A 326 -7.60 7.94 2.52
C ILE A 326 -8.98 8.52 2.27
N LEU A 327 -9.02 9.81 1.98
CA LEU A 327 -10.30 10.51 1.69
C LEU A 327 -10.35 10.80 0.19
N PRO A 328 -11.11 9.97 -0.55
CA PRO A 328 -11.23 10.13 -2.00
C PRO A 328 -12.30 11.19 -2.28
N ILE A 329 -11.93 12.23 -3.04
CA ILE A 329 -12.82 13.38 -3.33
C ILE A 329 -13.14 13.31 -4.82
N PHE A 330 -14.39 13.03 -5.16
CA PHE A 330 -14.80 12.91 -6.59
C PHE A 330 -14.86 14.26 -7.31
N ILE A 331 -14.32 14.21 -8.54
CA ILE A 331 -14.32 15.38 -9.46
C ILE A 331 -15.13 15.03 -10.72
N ARG A 332 -14.96 13.83 -11.28
CA ARG A 332 -15.79 13.19 -12.33
C ARG A 332 -15.55 13.86 -13.69
N SER A 333 -14.35 14.41 -13.89
CA SER A 333 -13.86 14.89 -15.22
C SER A 333 -12.32 14.78 -15.18
N ASN A 334 -11.72 14.04 -16.11
CA ASN A 334 -10.24 13.94 -16.16
C ASN A 334 -9.64 15.33 -16.31
N GLU A 335 -10.15 16.14 -17.24
CA GLU A 335 -9.59 17.51 -17.43
C GLU A 335 -9.69 18.33 -16.14
N LYS A 336 -10.83 18.30 -15.42
CA LYS A 336 -10.95 19.10 -14.17
C LYS A 336 -9.97 18.54 -13.12
N THR A 337 -9.82 17.23 -13.08
CA THR A 337 -8.94 16.54 -12.08
C THR A 337 -7.49 17.02 -12.30
N PHE A 338 -7.02 17.07 -13.56
CA PHE A 338 -5.65 17.55 -13.84
C PHE A 338 -5.57 19.01 -13.47
N TRP A 339 -6.58 19.82 -13.82
CA TRP A 339 -6.56 21.26 -13.57
C TRP A 339 -6.53 21.51 -12.04
N VAL A 340 -7.41 20.84 -11.31
CA VAL A 340 -7.53 21.06 -9.84
C VAL A 340 -6.20 20.65 -9.18
N THR A 341 -5.65 19.53 -9.63
CA THR A 341 -4.40 19.00 -9.04
C THR A 341 -3.28 20.03 -9.20
N LYS A 342 -3.12 20.58 -10.41
N LYS A 342 -3.12 20.57 -10.41
CA LYS A 342 -2.06 21.56 -10.71
CA LYS A 342 -2.07 21.56 -10.72
C LYS A 342 -2.33 22.88 -9.97
C LYS A 342 -2.33 22.88 -9.97
N MET A 343 -3.57 23.39 -9.99
CA MET A 343 -3.85 24.69 -9.32
C MET A 343 -3.63 24.54 -7.81
N LEU A 344 -3.99 23.40 -7.23
CA LEU A 344 -3.73 23.15 -5.80
C LEU A 344 -2.25 23.10 -5.56
N GLN A 345 -1.49 22.39 -6.43
CA GLN A 345 -0.01 22.33 -6.20
C GLN A 345 0.59 23.74 -6.24
N ASP A 346 0.20 24.51 -7.22
CA ASP A 346 0.74 25.89 -7.39
C ASP A 346 0.35 26.74 -6.17
N ASP A 347 -0.81 26.45 -5.59
CA ASP A 347 -1.32 27.20 -4.40
C ASP A 347 -0.82 26.57 -3.09
N GLY A 348 0.02 25.56 -3.11
CA GLY A 348 0.60 25.07 -1.86
C GLY A 348 -0.04 23.83 -1.25
N VAL A 349 -0.78 23.03 -2.05
CA VAL A 349 -1.44 21.81 -1.52
C VAL A 349 -1.11 20.67 -2.47
N PHE A 350 -0.62 19.58 -1.90
CA PHE A 350 -0.29 18.36 -2.66
C PHE A 350 -1.35 17.30 -2.41
N VAL A 351 -2.14 16.97 -3.45
CA VAL A 351 -3.06 15.82 -3.45
C VAL A 351 -2.74 14.95 -4.67
N ASN A 352 -3.28 13.76 -4.66
CA ASN A 352 -2.95 12.79 -5.73
C ASN A 352 -4.13 12.57 -6.65
N PRO A 353 -3.97 12.76 -7.97
CA PRO A 353 -5.11 12.54 -8.88
C PRO A 353 -5.26 11.05 -9.25
N VAL A 354 -6.50 10.64 -9.50
CA VAL A 354 -6.86 9.33 -10.10
C VAL A 354 -7.73 9.65 -11.33
N VAL A 355 -7.25 9.22 -12.50
CA VAL A 355 -7.81 9.62 -13.83
C VAL A 355 -7.86 8.38 -14.72
N SER A 356 -8.54 8.51 -15.87
CA SER A 356 -8.47 7.47 -16.94
C SER A 356 -7.03 7.37 -17.43
N PRO A 357 -6.54 6.15 -17.76
CA PRO A 357 -7.36 4.93 -17.79
C PRO A 357 -7.48 4.09 -16.52
N ALA A 358 -6.99 4.56 -15.37
CA ALA A 358 -7.12 3.83 -14.08
C ALA A 358 -8.60 3.72 -13.72
N VAL A 359 -9.36 4.79 -13.98
CA VAL A 359 -10.82 4.88 -13.71
C VAL A 359 -11.50 5.54 -14.91
N PRO A 360 -12.82 5.34 -15.05
CA PRO A 360 -13.65 6.17 -15.92
C PRO A 360 -13.60 7.66 -15.59
N ALA A 361 -13.66 8.49 -16.62
CA ALA A 361 -13.71 9.96 -16.49
C ALA A 361 -14.67 10.36 -15.36
N GLU A 362 -15.86 9.74 -15.32
CA GLU A 362 -16.97 10.15 -14.42
C GLU A 362 -16.67 9.78 -12.95
N GLU A 363 -15.62 8.99 -12.71
CA GLU A 363 -15.18 8.55 -11.34
C GLU A 363 -13.79 9.13 -11.01
N SER A 364 -13.25 9.96 -11.89
CA SER A 364 -11.96 10.63 -11.61
C SER A 364 -12.06 11.40 -10.27
N LEU A 365 -10.97 11.41 -9.48
CA LEU A 365 -11.03 11.95 -8.11
C LEU A 365 -9.61 12.37 -7.71
N ILE A 366 -9.54 13.09 -6.61
CA ILE A 366 -8.25 13.37 -5.93
C ILE A 366 -8.28 12.65 -4.58
N ARG A 367 -7.15 12.07 -4.19
CA ARG A 367 -6.99 11.41 -2.89
C ARG A 367 -6.28 12.35 -1.90
N PHE A 368 -6.94 12.61 -0.76
CA PHE A 368 -6.47 13.47 0.34
C PHE A 368 -6.21 12.54 1.51
N SER A 369 -4.96 12.37 1.87
CA SER A 369 -4.57 11.37 2.88
C SER A 369 -4.06 12.10 4.13
N LEU A 370 -4.44 11.58 5.29
CA LEU A 370 -3.97 12.17 6.54
C LEU A 370 -2.72 11.48 7.05
N MET A 371 -1.96 12.23 7.84
N MET A 371 -1.90 12.24 7.75
CA MET A 371 -0.81 11.75 8.63
CA MET A 371 -0.82 11.73 8.62
C MET A 371 -1.00 12.19 10.09
C MET A 371 -1.14 12.09 10.08
N ALA A 372 -0.55 11.35 11.01
CA ALA A 372 -0.67 11.59 12.45
C ALA A 372 -0.13 12.98 12.77
N THR A 373 0.88 13.47 12.07
CA THR A 373 1.60 14.72 12.33
C THR A 373 0.85 15.93 11.78
N HIS A 374 -0.17 15.78 10.94
CA HIS A 374 -0.99 16.92 10.47
C HIS A 374 -1.59 17.62 11.70
N THR A 375 -1.65 18.93 11.59
CA THR A 375 -2.40 19.77 12.57
C THR A 375 -3.80 20.07 12.04
N TYR A 376 -4.74 20.41 12.91
CA TYR A 376 -6.06 20.85 12.43
C TYR A 376 -5.96 22.15 11.62
N ASP A 377 -5.03 23.05 11.94
CA ASP A 377 -4.78 24.28 11.19
C ASP A 377 -4.34 23.92 9.77
N GLN A 378 -3.42 22.97 9.62
CA GLN A 378 -2.98 22.59 8.25
C GLN A 378 -4.16 22.01 7.45
N ILE A 379 -4.99 21.16 8.07
CA ILE A 379 -6.19 20.58 7.43
C ILE A 379 -7.10 21.72 6.97
N ASP A 380 -7.37 22.66 7.88
CA ASP A 380 -8.23 23.82 7.59
C ASP A 380 -7.65 24.60 6.42
N GLU A 381 -6.34 24.87 6.40
CA GLU A 381 -5.70 25.67 5.31
C GLU A 381 -5.91 24.94 3.98
N ALA A 382 -5.67 23.63 3.95
CA ALA A 382 -5.81 22.84 2.71
C ALA A 382 -7.26 22.82 2.22
N ILE A 383 -8.23 22.60 3.10
CA ILE A 383 -9.66 22.58 2.72
C ILE A 383 -10.08 23.98 2.22
N GLU A 384 -9.59 25.07 2.83
CA GLU A 384 -9.92 26.47 2.38
C GLU A 384 -9.44 26.61 0.94
N LYS A 385 -8.18 26.23 0.70
CA LYS A 385 -7.60 26.28 -0.68
C LYS A 385 -8.34 25.34 -1.65
N MET A 386 -8.80 24.14 -1.23
N MET A 386 -8.75 24.15 -1.21
CA MET A 386 -9.54 23.18 -2.08
CA MET A 386 -9.49 23.22 -2.07
C MET A 386 -10.94 23.70 -2.42
C MET A 386 -10.86 23.82 -2.45
N VAL A 387 -11.55 24.46 -1.49
CA VAL A 387 -12.85 25.11 -1.78
C VAL A 387 -12.61 26.17 -2.86
N LYS A 388 -11.61 27.01 -2.69
CA LYS A 388 -11.27 28.08 -3.68
C LYS A 388 -11.02 27.43 -5.05
N VAL A 389 -10.16 26.41 -5.13
CA VAL A 389 -9.77 25.85 -6.46
C VAL A 389 -10.93 25.11 -7.08
N PHE A 390 -11.74 24.39 -6.32
CA PHE A 390 -12.94 23.71 -6.87
C PHE A 390 -13.91 24.78 -7.42
N LYS A 391 -14.00 25.95 -6.77
CA LYS A 391 -14.81 27.12 -7.23
C LYS A 391 -14.30 27.53 -8.61
N GLN A 392 -12.99 27.76 -8.72
CA GLN A 392 -12.37 28.29 -9.97
C GLN A 392 -12.57 27.26 -11.10
N ALA A 393 -12.48 25.97 -10.78
CA ALA A 393 -12.51 24.88 -11.77
C ALA A 393 -13.95 24.59 -12.19
N GLU A 394 -14.92 25.14 -11.47
CA GLU A 394 -16.38 24.87 -11.66
C GLU A 394 -16.65 23.36 -11.48
N VAL A 395 -16.31 22.83 -10.29
CA VAL A 395 -16.76 21.51 -9.76
C VAL A 395 -17.82 21.77 -8.68
#